data_5XGC
#
_entry.id   5XGC
#
_cell.length_a   194.330
_cell.length_b   51.115
_cell.length_c   52.444
_cell.angle_alpha   90.00
_cell.angle_beta   92.77
_cell.angle_gamma   90.00
#
_symmetry.space_group_name_H-M   'C 1 2 1'
#
loop_
_entity.id
_entity.type
_entity.pdbx_description
1 polymer 'Rap1 GTPase-GDP dissociation stimulator 1'
2 water water
#
_entity_poly.entity_id   1
_entity_poly.type   'polypeptide(L)'
_entity_poly.pdbx_seq_one_letter_code
;GPLGSQSSCKAKVANIIAEVAKNEFMRIPCVDAGLISPLVQLLNSKDQEVLLQTGRALGNICYDSHSLQAQLINMGVIPT
LVKLLGIHCQNAALTEMCLVAFGNLAELESSKEQFASTNIAEELVKLFKKQIEHDKREMIFEVLAPLAENDAIKLQLVEA
GLVECLLEIVQQKVDSDKEDDITELKTGSDLMVLLLLGDESMQKLFEGGKGSVFQRVLSWIPSNNHQLQLAGALAIANFA
RNDANCIHMVDNGIVEKLMDLLDRHVEDGNVTVQHAALSALRNLAIPVINKAKMLSAGVTEAVLKFLKSEMPPVQFKLLG
TLRMLIDAQAEAAEQLGKNVKLVERLVEWCEAKDHAGVMGESNRLLSALIRHSKSKDVIKTIVQSGGIKHLVTMATSEHV
IMQNEALVALALIAALELGTAEKDLESAKLVQILHRLLADERSAPEIKYNSMVLICALMGSECLHKEVQDLAFLDVVSKL
RSHENKSVAQQASLTEQRLTVES
;
_entity_poly.pdbx_strand_id   A
#
# COMPACT_ATOMS: atom_id res chain seq x y z
N GLU A 24 43.97 7.38 -41.73
CA GLU A 24 42.74 8.21 -41.87
C GLU A 24 42.16 8.58 -40.49
N PHE A 25 41.63 9.79 -40.40
CA PHE A 25 41.05 10.27 -39.16
C PHE A 25 39.74 9.56 -38.88
N MET A 26 39.58 9.09 -37.64
CA MET A 26 38.36 8.38 -37.26
C MET A 26 37.48 9.21 -36.31
N ARG A 27 36.17 9.23 -36.60
CA ARG A 27 35.17 9.63 -35.59
C ARG A 27 35.06 8.52 -34.56
N ILE A 28 35.09 8.88 -33.28
CA ILE A 28 34.99 7.91 -32.18
C ILE A 28 33.69 8.24 -31.39
N PRO A 29 32.64 7.42 -31.57
CA PRO A 29 31.38 7.66 -30.87
C PRO A 29 31.46 7.32 -29.40
N CYS A 30 30.43 7.70 -28.67
CA CYS A 30 30.20 7.19 -27.32
C CYS A 30 30.21 5.67 -27.29
N VAL A 31 30.30 5.13 -26.09
CA VAL A 31 30.38 3.69 -25.91
C VAL A 31 29.16 3.04 -26.58
N ASP A 32 29.40 1.97 -27.32
CA ASP A 32 28.34 1.37 -28.15
C ASP A 32 28.69 -0.09 -28.50
N ALA A 33 27.80 -0.72 -29.28
CA ALA A 33 27.90 -2.14 -29.64
C ALA A 33 29.27 -2.56 -30.13
N GLY A 34 29.92 -1.70 -30.91
CA GLY A 34 31.26 -1.97 -31.45
C GLY A 34 32.33 -2.16 -30.39
N LEU A 35 32.22 -1.42 -29.30
CA LEU A 35 33.18 -1.53 -28.19
C LEU A 35 32.86 -2.76 -27.35
N ILE A 36 31.58 -3.08 -27.25
CA ILE A 36 31.07 -4.11 -26.33
C ILE A 36 31.07 -5.50 -26.95
N SER A 37 30.71 -5.61 -28.23
CA SER A 37 30.68 -6.89 -28.94
C SER A 37 31.95 -7.71 -28.71
N PRO A 38 33.14 -7.12 -29.00
CA PRO A 38 34.41 -7.83 -28.78
C PRO A 38 34.56 -8.39 -27.37
N LEU A 39 34.14 -7.62 -26.38
CA LEU A 39 34.31 -8.03 -24.98
C LEU A 39 33.41 -9.22 -24.69
N VAL A 40 32.20 -9.21 -25.26
CA VAL A 40 31.26 -10.29 -25.03
C VAL A 40 31.81 -11.60 -25.56
N GLN A 41 32.41 -11.57 -26.75
CA GLN A 41 33.06 -12.77 -27.32
C GLN A 41 34.11 -13.40 -26.39
N LEU A 42 34.74 -12.59 -25.55
CA LEU A 42 35.77 -13.07 -24.61
C LEU A 42 35.23 -13.83 -23.40
N LEU A 43 33.96 -13.61 -23.05
CA LEU A 43 33.34 -14.32 -21.93
C LEU A 43 33.46 -15.85 -22.02
N ASN A 44 33.59 -16.38 -23.23
CA ASN A 44 33.75 -17.83 -23.40
C ASN A 44 35.22 -18.29 -23.50
N SER A 45 36.14 -17.48 -22.99
CA SER A 45 37.56 -17.86 -22.94
C SER A 45 37.85 -18.73 -21.72
N LYS A 46 38.77 -19.68 -21.89
CA LYS A 46 39.23 -20.53 -20.79
C LYS A 46 40.36 -19.89 -19.98
N ASP A 47 40.85 -18.73 -20.42
CA ASP A 47 41.87 -17.96 -19.70
C ASP A 47 41.20 -17.13 -18.60
N GLN A 48 41.56 -17.38 -17.35
CA GLN A 48 40.91 -16.74 -16.20
C GLN A 48 41.22 -15.24 -16.07
N GLU A 49 42.40 -14.83 -16.53
CA GLU A 49 42.75 -13.40 -16.57
C GLU A 49 41.82 -12.68 -17.54
N VAL A 50 41.66 -13.28 -18.73
CA VAL A 50 40.80 -12.74 -19.77
C VAL A 50 39.35 -12.61 -19.31
N LEU A 51 38.86 -13.65 -18.64
CA LEU A 51 37.49 -13.66 -18.11
C LEU A 51 37.32 -12.56 -17.08
N LEU A 52 38.34 -12.40 -16.24
CA LEU A 52 38.33 -11.38 -15.20
C LEU A 52 38.36 -9.97 -15.78
N GLN A 53 39.17 -9.76 -16.81
CA GLN A 53 39.24 -8.46 -17.46
C GLN A 53 37.91 -8.13 -18.11
N THR A 54 37.43 -9.05 -18.95
CA THR A 54 36.26 -8.78 -19.77
C THR A 54 34.99 -8.68 -18.91
N GLY A 55 34.87 -9.56 -17.92
CA GLY A 55 33.71 -9.55 -17.02
C GLY A 55 33.58 -8.28 -16.22
N ARG A 56 34.68 -7.85 -15.60
CA ARG A 56 34.73 -6.55 -14.92
C ARG A 56 34.33 -5.43 -15.89
N ALA A 57 34.98 -5.39 -17.04
CA ALA A 57 34.72 -4.37 -18.06
C ALA A 57 33.24 -4.30 -18.40
N LEU A 58 32.64 -5.45 -18.73
CA LEU A 58 31.23 -5.52 -19.11
C LEU A 58 30.25 -5.10 -17.99
N GLY A 59 30.61 -5.40 -16.75
CA GLY A 59 29.81 -5.06 -15.61
C GLY A 59 29.94 -3.60 -15.22
N ASN A 60 31.04 -2.95 -15.65
CA ASN A 60 31.28 -1.52 -15.36
C ASN A 60 30.68 -0.56 -16.39
N ILE A 61 30.30 -1.06 -17.55
CA ILE A 61 29.78 -0.17 -18.58
C ILE A 61 28.33 0.15 -18.27
N CYS A 62 27.94 1.37 -18.62
CA CYS A 62 26.63 1.92 -18.27
C CYS A 62 25.68 1.72 -19.44
N TYR A 63 24.68 0.86 -19.25
CA TYR A 63 23.76 0.50 -20.33
C TYR A 63 22.53 1.42 -20.31
N ASP A 64 22.77 2.73 -20.26
CA ASP A 64 21.70 3.71 -20.14
C ASP A 64 20.97 3.93 -21.46
N SER A 65 21.70 3.76 -22.57
CA SER A 65 21.06 3.87 -23.87
C SER A 65 20.19 2.65 -24.06
N HIS A 66 19.24 2.78 -24.95
CA HIS A 66 18.24 1.76 -25.17
C HIS A 66 18.83 0.73 -26.14
N SER A 67 19.67 1.21 -27.07
CA SER A 67 20.43 0.33 -27.96
C SER A 67 21.50 -0.50 -27.23
N LEU A 68 22.02 0.04 -26.13
CA LEU A 68 23.05 -0.66 -25.36
C LEU A 68 22.46 -1.81 -24.56
N GLN A 69 21.34 -1.56 -23.89
CA GLN A 69 20.67 -2.62 -23.13
C GLN A 69 20.13 -3.67 -24.10
N ALA A 70 19.55 -3.22 -25.22
CA ALA A 70 19.18 -4.11 -26.30
C ALA A 70 20.33 -5.07 -26.64
N GLN A 71 21.53 -4.51 -26.78
CA GLN A 71 22.72 -5.29 -27.13
C GLN A 71 23.15 -6.22 -25.99
N LEU A 72 23.03 -5.71 -24.77
CA LEU A 72 23.29 -6.50 -23.58
C LEU A 72 22.37 -7.70 -23.54
N ILE A 73 21.07 -7.46 -23.79
CA ILE A 73 20.07 -8.51 -23.75
C ILE A 73 20.32 -9.47 -24.91
N ASN A 74 20.48 -8.92 -26.10
CA ASN A 74 20.54 -9.73 -27.32
C ASN A 74 21.80 -10.56 -27.44
N MET A 75 22.89 -10.08 -26.86
CA MET A 75 24.14 -10.85 -26.84
C MET A 75 24.23 -11.81 -25.64
N GLY A 76 23.22 -11.84 -24.77
CA GLY A 76 23.12 -12.89 -23.73
C GLY A 76 24.19 -12.85 -22.64
N VAL A 77 24.65 -11.64 -22.33
CA VAL A 77 25.69 -11.42 -21.33
C VAL A 77 25.29 -11.95 -19.96
N ILE A 78 24.07 -11.65 -19.54
CA ILE A 78 23.57 -12.02 -18.23
C ILE A 78 23.57 -13.55 -18.10
N PRO A 79 22.92 -14.27 -19.03
CA PRO A 79 22.98 -15.74 -18.87
C PRO A 79 24.41 -16.28 -18.93
N THR A 80 25.26 -15.66 -19.75
CA THR A 80 26.63 -16.10 -19.85
C THR A 80 27.34 -15.88 -18.53
N LEU A 81 27.11 -14.76 -17.87
CA LEU A 81 27.75 -14.53 -16.56
C LEU A 81 27.19 -15.43 -15.47
N VAL A 82 25.90 -15.71 -15.51
CA VAL A 82 25.35 -16.63 -14.51
C VAL A 82 26.01 -17.99 -14.71
N LYS A 83 26.13 -18.42 -15.97
CA LYS A 83 26.85 -19.65 -16.29
C LYS A 83 28.26 -19.66 -15.71
N LEU A 84 29.01 -18.58 -15.96
CA LEU A 84 30.38 -18.47 -15.44
C LEU A 84 30.41 -18.51 -13.94
N LEU A 85 29.44 -17.90 -13.29
CA LEU A 85 29.36 -17.99 -11.83
C LEU A 85 29.22 -19.45 -11.39
N GLY A 86 28.46 -20.23 -12.14
CA GLY A 86 28.29 -21.65 -11.86
C GLY A 86 29.58 -22.45 -11.98
N ILE A 87 30.33 -22.17 -13.04
CA ILE A 87 31.57 -22.88 -13.35
C ILE A 87 32.73 -22.53 -12.41
N HIS A 88 32.79 -21.26 -11.98
CA HIS A 88 33.92 -20.79 -11.15
C HIS A 88 33.54 -20.31 -9.77
N CYS A 89 32.44 -20.81 -9.21
CA CYS A 89 32.01 -20.38 -7.86
C CYS A 89 33.02 -20.70 -6.75
N GLN A 90 34.02 -21.54 -7.04
CA GLN A 90 35.12 -21.83 -6.10
C GLN A 90 36.30 -20.86 -6.21
N ASN A 91 36.32 -20.08 -7.29
CA ASN A 91 37.33 -19.05 -7.51
C ASN A 91 36.82 -17.72 -6.99
N ALA A 92 37.44 -17.21 -5.92
CA ALA A 92 36.99 -15.96 -5.28
C ALA A 92 37.08 -14.73 -6.18
N ALA A 93 38.10 -14.68 -7.04
CA ALA A 93 38.28 -13.54 -7.95
C ALA A 93 37.17 -13.47 -9.00
N LEU A 94 36.89 -14.60 -9.64
CA LEU A 94 35.83 -14.70 -10.64
C LEU A 94 34.45 -14.52 -10.03
N THR A 95 34.24 -15.14 -8.89
CA THR A 95 32.99 -15.05 -8.16
C THR A 95 32.70 -13.62 -7.76
N GLU A 96 33.71 -12.92 -7.24
CA GLU A 96 33.55 -11.53 -6.82
C GLU A 96 33.22 -10.63 -8.01
N MET A 97 33.89 -10.87 -9.14
CA MET A 97 33.65 -10.05 -10.32
C MET A 97 32.22 -10.25 -10.82
N CYS A 98 31.72 -11.49 -10.83
CA CYS A 98 30.32 -11.75 -11.24
C CYS A 98 29.35 -11.01 -10.34
N LEU A 99 29.57 -11.06 -9.02
CA LEU A 99 28.69 -10.39 -8.08
C LEU A 99 28.66 -8.88 -8.30
N VAL A 100 29.83 -8.30 -8.51
CA VAL A 100 29.92 -6.87 -8.83
C VAL A 100 29.19 -6.61 -10.14
N ALA A 101 29.51 -7.40 -11.17
CA ALA A 101 28.83 -7.25 -12.44
C ALA A 101 27.31 -7.32 -12.23
N PHE A 102 26.86 -8.34 -11.50
CA PHE A 102 25.42 -8.54 -11.29
C PHE A 102 24.76 -7.37 -10.59
N GLY A 103 25.46 -6.80 -9.59
CA GLY A 103 24.96 -5.65 -8.83
C GLY A 103 24.71 -4.43 -9.69
N ASN A 104 25.58 -4.19 -10.67
CA ASN A 104 25.38 -3.12 -11.63
C ASN A 104 24.29 -3.47 -12.64
N LEU A 105 24.36 -4.69 -13.18
CA LEU A 105 23.38 -5.13 -14.18
C LEU A 105 21.97 -5.19 -13.59
N ALA A 106 21.85 -5.68 -12.36
CA ALA A 106 20.55 -5.87 -11.70
C ALA A 106 19.67 -4.63 -11.67
N GLU A 107 20.27 -3.44 -11.66
CA GLU A 107 19.49 -2.23 -11.46
C GLU A 107 18.50 -1.91 -12.59
N LEU A 108 18.66 -2.50 -13.77
CA LEU A 108 17.70 -2.35 -14.88
C LEU A 108 16.52 -3.33 -14.77
N GLU A 109 15.29 -2.85 -14.97
CA GLU A 109 14.11 -3.72 -14.95
C GLU A 109 14.16 -4.80 -16.03
N SER A 110 14.64 -4.41 -17.21
CA SER A 110 14.80 -5.33 -18.33
C SER A 110 15.84 -6.40 -18.00
N SER A 111 16.88 -6.03 -17.28
CA SER A 111 17.89 -7.00 -16.88
C SER A 111 17.32 -8.03 -15.87
N LYS A 112 16.41 -7.62 -15.00
CA LYS A 112 15.92 -8.49 -13.92
C LYS A 112 15.09 -9.62 -14.52
N GLU A 113 14.26 -9.25 -15.47
CA GLU A 113 13.49 -10.14 -16.32
C GLU A 113 14.34 -11.24 -16.95
N GLN A 114 15.47 -10.84 -17.50
CA GLN A 114 16.44 -11.76 -18.06
C GLN A 114 17.07 -12.63 -16.97
N PHE A 115 17.46 -12.05 -15.83
CA PHE A 115 17.99 -12.84 -14.70
C PHE A 115 17.00 -13.93 -14.28
N ALA A 116 15.70 -13.63 -14.37
CA ALA A 116 14.62 -14.52 -13.96
C ALA A 116 14.41 -15.76 -14.87
N SER A 117 15.14 -15.83 -15.98
CA SER A 117 15.15 -17.01 -16.83
C SER A 117 16.40 -17.86 -16.66
N THR A 118 17.27 -17.48 -15.73
CA THR A 118 18.53 -18.18 -15.44
C THR A 118 18.48 -18.89 -14.08
N ASN A 119 19.57 -19.54 -13.72
CA ASN A 119 19.74 -20.18 -12.42
C ASN A 119 20.27 -19.27 -11.33
N ILE A 120 20.26 -17.97 -11.56
CA ILE A 120 20.91 -17.03 -10.63
C ILE A 120 20.44 -17.22 -9.17
N ALA A 121 19.15 -17.45 -8.96
CA ALA A 121 18.58 -17.56 -7.62
C ALA A 121 19.23 -18.69 -6.86
N GLU A 122 19.20 -19.87 -7.46
CA GLU A 122 19.81 -21.06 -6.85
C GLU A 122 21.32 -20.90 -6.66
N GLU A 123 21.96 -20.30 -7.66
CA GLU A 123 23.40 -20.15 -7.63
C GLU A 123 23.79 -19.22 -6.49
N LEU A 124 23.05 -18.13 -6.33
CA LEU A 124 23.30 -17.19 -5.24
C LEU A 124 23.03 -17.77 -3.85
N VAL A 125 22.02 -18.63 -3.72
CA VAL A 125 21.73 -19.26 -2.41
C VAL A 125 22.81 -20.26 -2.04
N LYS A 126 23.21 -21.13 -2.99
CA LYS A 126 24.30 -22.08 -2.76
C LYS A 126 25.51 -21.30 -2.29
N LEU A 127 25.85 -20.26 -3.04
CA LEU A 127 27.00 -19.44 -2.70
C LEU A 127 26.85 -18.87 -1.30
N PHE A 128 25.69 -18.27 -1.03
CA PHE A 128 25.41 -17.67 0.26
C PHE A 128 25.60 -18.68 1.39
N LYS A 129 25.04 -19.88 1.23
CA LYS A 129 25.18 -20.93 2.25
C LYS A 129 26.64 -21.24 2.56
N LYS A 130 27.50 -21.25 1.55
CA LYS A 130 28.95 -21.50 1.76
C LYS A 130 29.69 -20.44 2.58
N GLN A 131 29.17 -19.23 2.71
CA GLN A 131 29.94 -18.12 3.31
C GLN A 131 29.96 -18.12 4.84
N ILE A 132 31.13 -17.85 5.40
CA ILE A 132 31.32 -17.69 6.84
C ILE A 132 32.02 -16.36 7.19
N GLU A 133 31.98 -15.40 6.26
CA GLU A 133 32.53 -14.06 6.50
C GLU A 133 31.47 -13.00 6.20
N HIS A 134 31.20 -12.15 7.19
CA HIS A 134 30.16 -11.12 7.10
C HIS A 134 30.24 -10.31 5.81
N ASP A 135 31.45 -9.86 5.47
CA ASP A 135 31.69 -9.07 4.25
C ASP A 135 31.21 -9.75 2.99
N LYS A 136 31.55 -11.03 2.86
CA LYS A 136 31.19 -11.79 1.66
C LYS A 136 29.67 -12.09 1.63
N ARG A 137 29.07 -12.39 2.78
CA ARG A 137 27.61 -12.46 2.90
C ARG A 137 26.94 -11.17 2.39
N GLU A 138 27.46 -10.04 2.86
CA GLU A 138 26.97 -8.73 2.50
C GLU A 138 27.07 -8.48 1.01
N MET A 139 28.12 -9.00 0.37
CA MET A 139 28.27 -8.87 -1.09
C MET A 139 27.11 -9.56 -1.80
N ILE A 140 26.74 -10.74 -1.32
CA ILE A 140 25.64 -11.50 -1.91
C ILE A 140 24.30 -10.81 -1.60
N PHE A 141 24.11 -10.34 -0.37
CA PHE A 141 22.90 -9.58 -0.03
C PHE A 141 22.63 -8.44 -1.00
N GLU A 142 23.70 -7.78 -1.42
CA GLU A 142 23.59 -6.58 -2.26
C GLU A 142 23.26 -6.92 -3.71
N VAL A 143 23.48 -8.18 -4.10
CA VAL A 143 22.93 -8.70 -5.35
C VAL A 143 21.51 -9.25 -5.16
N LEU A 144 21.26 -9.96 -4.06
CA LEU A 144 19.94 -10.54 -3.83
C LEU A 144 18.83 -9.47 -3.80
N ALA A 145 19.09 -8.37 -3.08
CA ALA A 145 18.08 -7.33 -2.86
C ALA A 145 17.53 -6.72 -4.15
N PRO A 146 18.39 -6.17 -5.03
CA PRO A 146 17.81 -5.63 -6.24
C PRO A 146 17.11 -6.69 -7.09
N LEU A 147 17.71 -7.87 -7.22
CA LEU A 147 17.15 -8.95 -8.03
C LEU A 147 15.78 -9.42 -7.54
N ALA A 148 15.59 -9.38 -6.22
CA ALA A 148 14.37 -9.84 -5.59
C ALA A 148 13.22 -8.85 -5.75
N GLU A 149 13.46 -7.71 -6.36
CA GLU A 149 12.37 -6.83 -6.78
C GLU A 149 11.51 -7.49 -7.87
N ASN A 150 12.13 -8.36 -8.64
CA ASN A 150 11.41 -9.12 -9.64
C ASN A 150 10.66 -10.26 -8.94
N ASP A 151 9.40 -10.46 -9.27
CA ASP A 151 8.55 -11.47 -8.59
C ASP A 151 8.90 -12.93 -8.89
N ALA A 152 9.31 -13.23 -10.12
CA ALA A 152 9.76 -14.60 -10.44
C ALA A 152 11.02 -14.96 -9.66
N ILE A 153 11.95 -14.00 -9.53
CA ILE A 153 13.20 -14.17 -8.79
C ILE A 153 12.86 -14.47 -7.32
N LYS A 154 11.92 -13.73 -6.76
CA LYS A 154 11.40 -14.00 -5.41
C LYS A 154 10.98 -15.43 -5.25
N LEU A 155 10.14 -15.89 -6.16
CA LEU A 155 9.65 -17.25 -6.09
C LEU A 155 10.80 -18.25 -6.22
N GLN A 156 11.72 -17.98 -7.14
CA GLN A 156 12.90 -18.84 -7.34
C GLN A 156 13.82 -18.88 -6.11
N LEU A 157 13.97 -17.76 -5.43
CA LEU A 157 14.73 -17.71 -4.20
C LEU A 157 14.07 -18.57 -3.11
N VAL A 158 12.75 -18.49 -3.00
CA VAL A 158 12.04 -19.29 -2.02
C VAL A 158 12.25 -20.76 -2.31
N GLU A 159 12.05 -21.13 -3.58
CA GLU A 159 12.25 -22.50 -3.97
C GLU A 159 13.68 -22.99 -3.76
N ALA A 160 14.67 -22.12 -3.92
CA ALA A 160 16.06 -22.50 -3.71
C ALA A 160 16.48 -22.56 -2.23
N GLY A 161 15.57 -22.27 -1.30
CA GLY A 161 15.88 -22.36 0.14
C GLY A 161 16.38 -21.10 0.83
N LEU A 162 16.17 -19.93 0.23
CA LEU A 162 16.73 -18.70 0.81
C LEU A 162 16.13 -18.40 2.18
N VAL A 163 14.83 -18.62 2.35
CA VAL A 163 14.18 -18.16 3.57
C VAL A 163 14.68 -18.93 4.80
N GLU A 164 14.91 -20.23 4.69
CA GLU A 164 15.42 -20.95 5.87
C GLU A 164 16.80 -20.43 6.28
N CYS A 165 17.65 -20.05 5.32
CA CYS A 165 18.90 -19.35 5.62
C CYS A 165 18.63 -18.07 6.38
N LEU A 166 17.69 -17.29 5.87
CA LEU A 166 17.32 -16.03 6.50
C LEU A 166 16.79 -16.24 7.93
N LEU A 167 15.91 -17.20 8.11
CA LEU A 167 15.31 -17.42 9.43
C LEU A 167 16.36 -17.86 10.44
N GLU A 168 17.26 -18.74 9.99
CA GLU A 168 18.37 -19.20 10.83
C GLU A 168 19.29 -18.07 11.22
N ILE A 169 19.60 -17.21 10.27
CA ILE A 169 20.39 -16.03 10.56
C ILE A 169 19.74 -15.19 11.65
N VAL A 170 18.44 -14.91 11.50
CA VAL A 170 17.74 -14.10 12.51
C VAL A 170 17.84 -14.78 13.87
N GLN A 171 17.42 -16.04 13.94
CA GLN A 171 17.48 -16.78 15.21
C GLN A 171 18.90 -16.79 15.80
N GLN A 172 19.90 -16.97 14.95
CA GLN A 172 21.29 -16.99 15.37
C GLN A 172 21.72 -15.63 15.94
N LYS A 173 21.10 -14.55 15.50
CA LYS A 173 21.54 -13.20 15.84
C LYS A 173 20.59 -12.37 16.72
N VAL A 174 19.43 -12.92 17.06
CA VAL A 174 18.56 -12.24 18.01
C VAL A 174 19.34 -12.17 19.33
N ASP A 175 19.05 -11.14 20.12
CA ASP A 175 19.71 -10.91 21.43
C ASP A 175 21.22 -10.62 21.37
N SER A 176 21.79 -10.45 20.17
CA SER A 176 23.20 -10.11 20.05
C SER A 176 23.40 -8.62 19.83
N ASP A 177 24.41 -8.07 20.51
CA ASP A 177 24.75 -6.65 20.41
C ASP A 177 25.92 -6.39 19.44
N LYS A 178 26.49 -7.45 18.86
CA LYS A 178 27.56 -7.28 17.86
C LYS A 178 27.00 -6.53 16.66
N GLU A 179 27.65 -5.43 16.32
CA GLU A 179 27.24 -4.57 15.21
C GLU A 179 26.87 -5.40 13.99
N ASP A 180 27.74 -6.34 13.63
CA ASP A 180 27.54 -7.13 12.43
C ASP A 180 26.35 -8.09 12.56
N ASP A 181 26.10 -8.59 13.77
CA ASP A 181 24.95 -9.43 14.05
C ASP A 181 23.65 -8.65 13.86
N ILE A 182 23.59 -7.42 14.37
CA ILE A 182 22.33 -6.69 14.26
C ILE A 182 22.11 -6.26 12.80
N THR A 183 23.20 -5.95 12.09
CA THR A 183 23.10 -5.56 10.68
C THR A 183 22.60 -6.76 9.83
N GLU A 184 23.13 -7.95 10.08
CA GLU A 184 22.69 -9.14 9.35
C GLU A 184 21.25 -9.52 9.67
N LEU A 185 20.87 -9.44 10.94
CA LEU A 185 19.48 -9.68 11.36
C LEU A 185 18.52 -8.72 10.64
N LYS A 186 18.96 -7.48 10.52
CA LYS A 186 18.22 -6.43 9.86
C LYS A 186 18.07 -6.73 8.37
N THR A 187 19.19 -6.96 7.69
CA THR A 187 19.18 -7.17 6.23
C THR A 187 18.41 -8.44 5.91
N GLY A 188 18.61 -9.48 6.71
CA GLY A 188 17.92 -10.76 6.53
C GLY A 188 16.42 -10.65 6.73
N SER A 189 16.00 -10.03 7.83
CA SER A 189 14.55 -9.88 8.08
C SER A 189 13.86 -8.98 7.05
N ASP A 190 14.55 -7.93 6.57
CA ASP A 190 14.02 -7.06 5.52
C ASP A 190 13.87 -7.77 4.19
N LEU A 191 14.86 -8.58 3.83
CA LEU A 191 14.81 -9.33 2.61
C LEU A 191 13.63 -10.30 2.65
N MET A 192 13.34 -10.86 3.82
CA MET A 192 12.20 -11.76 3.98
C MET A 192 10.90 -11.06 3.65
N VAL A 193 10.76 -9.84 4.18
CA VAL A 193 9.60 -8.99 3.87
C VAL A 193 9.50 -8.74 2.35
N LEU A 194 10.60 -8.34 1.72
CA LEU A 194 10.61 -8.16 0.25
C LEU A 194 10.02 -9.39 -0.47
N LEU A 195 10.37 -10.60 -0.04
CA LEU A 195 9.87 -11.82 -0.67
C LEU A 195 8.36 -11.91 -0.55
N LEU A 196 7.83 -11.32 0.51
CA LEU A 196 6.41 -11.31 0.73
C LEU A 196 5.61 -10.27 -0.08
N LEU A 197 6.30 -9.38 -0.80
CA LEU A 197 5.61 -8.42 -1.71
C LEU A 197 5.20 -9.06 -3.03
N GLY A 198 5.85 -10.16 -3.43
CA GLY A 198 5.43 -10.89 -4.63
C GLY A 198 4.31 -11.83 -4.29
N ASP A 199 3.32 -11.94 -5.18
CA ASP A 199 2.13 -12.74 -4.88
C ASP A 199 2.41 -14.23 -4.78
N GLU A 200 3.24 -14.73 -5.69
CA GLU A 200 3.47 -16.15 -5.76
C GLU A 200 4.38 -16.56 -4.60
N SER A 201 5.47 -15.81 -4.40
CA SER A 201 6.42 -16.07 -3.30
C SER A 201 5.73 -15.96 -1.93
N MET A 202 4.90 -14.94 -1.77
CA MET A 202 4.15 -14.76 -0.53
C MET A 202 3.24 -15.94 -0.26
N GLN A 203 2.51 -16.40 -1.27
CA GLN A 203 1.56 -17.51 -1.10
C GLN A 203 2.24 -18.81 -0.80
N LYS A 204 3.34 -19.06 -1.50
CA LYS A 204 4.18 -20.22 -1.22
C LYS A 204 4.61 -20.24 0.28
N LEU A 205 5.11 -19.12 0.76
CA LEU A 205 5.55 -18.98 2.15
C LEU A 205 4.39 -19.05 3.14
N PHE A 206 3.21 -18.58 2.73
CA PHE A 206 2.06 -18.66 3.61
C PHE A 206 1.62 -20.09 3.82
N GLU A 207 1.63 -20.87 2.73
CA GLU A 207 1.39 -22.30 2.79
C GLU A 207 0.11 -22.61 3.58
N GLY A 208 -0.97 -21.95 3.19
CA GLY A 208 -2.27 -22.20 3.80
C GLY A 208 -2.37 -21.88 5.28
N GLY A 209 -1.44 -21.08 5.80
CA GLY A 209 -1.49 -20.61 7.18
C GLY A 209 -0.67 -21.45 8.13
N LYS A 210 0.12 -22.37 7.60
CA LYS A 210 0.95 -23.20 8.43
C LYS A 210 2.42 -23.05 8.01
N GLY A 211 2.72 -22.16 7.08
CA GLY A 211 4.09 -21.99 6.63
C GLY A 211 5.06 -21.53 7.72
N SER A 212 6.30 -22.01 7.65
CA SER A 212 7.38 -21.65 8.61
C SER A 212 7.48 -20.17 8.93
N VAL A 213 7.36 -19.34 7.90
CA VAL A 213 7.50 -17.90 8.07
C VAL A 213 6.34 -17.35 8.87
N PHE A 214 5.12 -17.73 8.50
CA PHE A 214 3.97 -17.29 9.25
C PHE A 214 4.11 -17.71 10.74
N GLN A 215 4.47 -18.95 10.98
CA GLN A 215 4.56 -19.44 12.34
C GLN A 215 5.75 -18.81 13.13
N ARG A 216 6.88 -18.58 12.48
CA ARG A 216 8.00 -17.86 13.11
C ARG A 216 7.58 -16.46 13.51
N VAL A 217 6.89 -15.78 12.60
CA VAL A 217 6.48 -14.40 12.84
C VAL A 217 5.56 -14.23 14.04
N LEU A 218 4.87 -15.31 14.39
CA LEU A 218 4.07 -15.33 15.60
C LEU A 218 4.92 -15.26 16.85
N SER A 219 6.19 -15.63 16.74
CA SER A 219 7.17 -15.45 17.81
C SER A 219 7.91 -14.10 17.71
N TRP A 220 8.01 -13.53 16.51
CA TRP A 220 8.64 -12.22 16.34
C TRP A 220 7.82 -11.08 16.86
N ILE A 221 6.50 -11.15 16.64
CA ILE A 221 5.60 -10.06 17.01
C ILE A 221 5.57 -9.82 18.52
N PRO A 222 5.46 -10.88 19.33
CA PRO A 222 5.53 -10.67 20.78
C PRO A 222 6.93 -10.45 21.37
N SER A 223 7.98 -10.49 20.54
CA SER A 223 9.35 -10.33 21.05
C SER A 223 9.68 -8.88 21.45
N ASN A 224 10.87 -8.71 22.02
CA ASN A 224 11.37 -7.40 22.47
C ASN A 224 12.24 -6.72 21.43
N ASN A 225 12.54 -7.45 20.36
CA ASN A 225 13.38 -6.91 19.32
C ASN A 225 12.46 -6.12 18.38
N HIS A 226 12.70 -4.82 18.32
CA HIS A 226 11.88 -3.92 17.51
C HIS A 226 11.95 -4.27 16.03
N GLN A 227 13.11 -4.71 15.55
CA GLN A 227 13.25 -4.99 14.10
C GLN A 227 12.41 -6.22 13.75
N LEU A 228 12.33 -7.18 14.66
CA LEU A 228 11.50 -8.38 14.47
C LEU A 228 10.03 -8.13 14.67
N GLN A 229 9.69 -7.24 15.61
CA GLN A 229 8.34 -6.75 15.70
C GLN A 229 7.93 -6.11 14.38
N LEU A 230 8.82 -5.27 13.86
CA LEU A 230 8.56 -4.56 12.62
C LEU A 230 8.39 -5.57 11.49
N ALA A 231 9.36 -6.47 11.35
CA ALA A 231 9.38 -7.41 10.25
C ALA A 231 8.20 -8.36 10.34
N GLY A 232 7.88 -8.76 11.58
CA GLY A 232 6.75 -9.64 11.84
C GLY A 232 5.42 -9.02 11.43
N ALA A 233 5.20 -7.79 11.88
CA ALA A 233 3.97 -7.05 11.54
C ALA A 233 3.83 -6.82 10.03
N LEU A 234 4.93 -6.47 9.38
CA LEU A 234 4.98 -6.33 7.92
C LEU A 234 4.76 -7.68 7.21
N ALA A 235 5.23 -8.78 7.81
CA ALA A 235 5.00 -10.08 7.22
C ALA A 235 3.50 -10.38 7.23
N ILE A 236 2.84 -10.09 8.34
CA ILE A 236 1.41 -10.28 8.42
C ILE A 236 0.69 -9.39 7.41
N ALA A 237 1.03 -8.11 7.40
CA ALA A 237 0.45 -7.18 6.43
C ALA A 237 0.53 -7.71 5.01
N ASN A 238 1.66 -8.28 4.65
CA ASN A 238 1.87 -8.72 3.27
C ASN A 238 1.31 -10.09 2.99
N PHE A 239 1.13 -10.89 4.05
CA PHE A 239 0.37 -12.13 3.93
C PHE A 239 -1.10 -11.80 3.69
N ALA A 240 -1.56 -10.68 4.26
CA ALA A 240 -2.95 -10.31 4.27
C ALA A 240 -3.31 -9.54 3.02
N ARG A 241 -3.07 -10.14 1.85
CA ARG A 241 -3.34 -9.46 0.61
C ARG A 241 -4.30 -10.26 -0.30
N ASN A 242 -5.01 -11.22 0.27
CA ASN A 242 -6.21 -11.77 -0.37
C ASN A 242 -7.16 -12.23 0.75
N ASP A 243 -8.42 -12.45 0.39
CA ASP A 243 -9.44 -12.81 1.37
C ASP A 243 -9.09 -14.05 2.15
N ALA A 244 -8.75 -15.14 1.45
CA ALA A 244 -8.49 -16.41 2.13
C ALA A 244 -7.38 -16.30 3.17
N ASN A 245 -6.28 -15.60 2.88
CA ASN A 245 -5.19 -15.46 3.85
C ASN A 245 -5.67 -14.65 5.05
N CYS A 246 -6.35 -13.55 4.78
CA CYS A 246 -6.86 -12.69 5.86
C CYS A 246 -7.82 -13.43 6.78
N ILE A 247 -8.72 -14.19 6.20
CA ILE A 247 -9.71 -14.94 6.98
C ILE A 247 -9.04 -15.99 7.84
N HIS A 248 -8.06 -16.68 7.25
CA HIS A 248 -7.30 -17.64 8.03
C HIS A 248 -6.59 -16.96 9.22
N MET A 249 -5.88 -15.88 8.96
CA MET A 249 -5.10 -15.24 10.04
C MET A 249 -5.98 -14.66 11.14
N VAL A 250 -7.10 -14.06 10.76
CA VAL A 250 -8.05 -13.64 11.77
C VAL A 250 -8.66 -14.82 12.55
N ASP A 251 -9.05 -15.89 11.87
CA ASP A 251 -9.57 -17.07 12.60
C ASP A 251 -8.51 -17.61 13.56
N ASN A 252 -7.23 -17.45 13.23
CA ASN A 252 -6.17 -17.95 14.08
C ASN A 252 -5.59 -16.98 15.10
N GLY A 253 -6.32 -15.90 15.39
CA GLY A 253 -5.98 -15.01 16.47
C GLY A 253 -4.90 -13.96 16.21
N ILE A 254 -4.56 -13.72 14.95
CA ILE A 254 -3.50 -12.76 14.64
C ILE A 254 -3.83 -11.35 15.13
N VAL A 255 -5.11 -11.00 15.15
CA VAL A 255 -5.52 -9.66 15.52
C VAL A 255 -5.14 -9.40 17.00
N GLU A 256 -5.26 -10.42 17.86
CA GLU A 256 -4.88 -10.31 19.29
C GLU A 256 -3.41 -10.00 19.48
N LYS A 257 -2.54 -10.70 18.73
CA LYS A 257 -1.12 -10.42 18.82
C LYS A 257 -0.79 -9.01 18.34
N LEU A 258 -1.45 -8.55 17.28
CA LEU A 258 -1.18 -7.23 16.75
C LEU A 258 -1.66 -6.13 17.70
N MET A 259 -2.78 -6.34 18.34
CA MET A 259 -3.28 -5.43 19.38
C MET A 259 -2.31 -5.40 20.57
N ASP A 260 -1.84 -6.56 21.02
CA ASP A 260 -0.80 -6.59 22.07
C ASP A 260 0.45 -5.86 21.64
N LEU A 261 0.85 -6.02 20.37
CA LEU A 261 2.01 -5.31 19.88
C LEU A 261 1.77 -3.81 19.93
N LEU A 262 0.60 -3.39 19.46
CA LEU A 262 0.28 -1.98 19.45
C LEU A 262 0.27 -1.39 20.87
N ASP A 263 -0.32 -2.12 21.83
CA ASP A 263 -0.40 -1.65 23.21
C ASP A 263 0.97 -1.35 23.81
N ARG A 264 1.97 -2.14 23.46
CA ARG A 264 3.32 -1.94 23.95
C ARG A 264 4.00 -0.70 23.35
N HIS A 265 3.39 -0.15 22.29
CA HIS A 265 3.95 0.99 21.57
C HIS A 265 3.06 2.24 21.68
N VAL A 266 2.11 2.22 22.60
CA VAL A 266 1.22 3.38 22.80
C VAL A 266 2.02 4.53 23.42
N GLU A 267 2.66 4.24 24.54
CA GLU A 267 3.33 5.24 25.38
C GLU A 267 4.48 5.99 24.67
N ASP A 268 5.61 5.32 24.42
CA ASP A 268 6.74 5.95 23.73
C ASP A 268 7.23 4.99 22.67
N GLY A 269 6.39 4.81 21.65
CA GLY A 269 6.57 3.75 20.70
C GLY A 269 7.42 4.07 19.49
N ASN A 270 7.80 2.98 18.84
CA ASN A 270 8.43 3.00 17.55
C ASN A 270 7.35 3.17 16.45
N VAL A 271 7.50 4.23 15.66
CA VAL A 271 6.50 4.67 14.69
C VAL A 271 6.44 3.73 13.52
N THR A 272 7.62 3.24 13.18
CA THR A 272 7.84 2.19 12.23
C THR A 272 7.01 0.93 12.58
N VAL A 273 6.95 0.55 13.85
CA VAL A 273 6.25 -0.66 14.26
C VAL A 273 4.76 -0.37 14.36
N GLN A 274 4.40 0.82 14.86
CA GLN A 274 3.00 1.24 14.91
C GLN A 274 2.39 1.21 13.51
N HIS A 275 3.12 1.77 12.54
CA HIS A 275 2.66 1.84 11.16
C HIS A 275 2.46 0.46 10.53
N ALA A 276 3.42 -0.44 10.72
CA ALA A 276 3.35 -1.78 10.18
C ALA A 276 2.16 -2.54 10.78
N ALA A 277 2.02 -2.47 12.11
CA ALA A 277 0.93 -3.12 12.82
C ALA A 277 -0.43 -2.61 12.35
N LEU A 278 -0.57 -1.29 12.27
CA LEU A 278 -1.81 -0.70 11.77
C LEU A 278 -2.04 -1.04 10.30
N SER A 279 -0.98 -1.13 9.51
CA SER A 279 -1.05 -1.51 8.10
C SER A 279 -1.58 -2.95 7.96
N ALA A 280 -1.11 -3.85 8.81
CA ALA A 280 -1.63 -5.22 8.83
C ALA A 280 -3.11 -5.26 9.19
N LEU A 281 -3.50 -4.58 10.27
CA LEU A 281 -4.90 -4.49 10.66
C LEU A 281 -5.77 -3.95 9.54
N ARG A 282 -5.31 -2.90 8.85
CA ARG A 282 -6.06 -2.39 7.73
C ARG A 282 -6.33 -3.43 6.64
N ASN A 283 -5.28 -4.17 6.26
CA ASN A 283 -5.43 -5.25 5.27
C ASN A 283 -6.38 -6.33 5.75
N LEU A 284 -6.22 -6.73 7.03
CA LEU A 284 -7.03 -7.79 7.63
C LEU A 284 -8.52 -7.46 7.73
N ALA A 285 -8.84 -6.18 7.88
CA ALA A 285 -10.22 -5.74 8.02
C ALA A 285 -10.98 -5.65 6.69
N ILE A 286 -10.32 -5.93 5.58
CA ILE A 286 -10.96 -5.77 4.29
C ILE A 286 -12.06 -6.82 4.02
N PRO A 287 -11.78 -8.11 4.25
CA PRO A 287 -12.86 -9.10 4.02
C PRO A 287 -14.08 -8.89 4.91
N VAL A 288 -15.26 -8.89 4.30
CA VAL A 288 -16.53 -8.75 5.04
C VAL A 288 -16.57 -9.62 6.30
N ILE A 289 -16.24 -10.89 6.15
CA ILE A 289 -16.26 -11.85 7.25
C ILE A 289 -15.33 -11.41 8.41
N ASN A 290 -14.23 -10.72 8.10
CA ASN A 290 -13.29 -10.29 9.12
C ASN A 290 -13.79 -9.15 10.02
N LYS A 291 -14.66 -8.29 9.47
CA LYS A 291 -14.99 -7.02 10.11
C LYS A 291 -15.64 -7.21 11.48
N ALA A 292 -16.67 -8.04 11.55
CA ALA A 292 -17.36 -8.33 12.82
C ALA A 292 -16.45 -9.00 13.85
N LYS A 293 -15.58 -9.90 13.38
CA LYS A 293 -14.67 -10.60 14.28
C LYS A 293 -13.66 -9.63 14.86
N MET A 294 -13.14 -8.74 14.03
CA MET A 294 -12.18 -7.75 14.52
C MET A 294 -12.84 -6.76 15.46
N LEU A 295 -14.05 -6.33 15.12
CA LEU A 295 -14.80 -5.45 15.99
C LEU A 295 -15.07 -6.12 17.34
N SER A 296 -15.48 -7.39 17.34
CA SER A 296 -15.71 -8.10 18.59
C SER A 296 -14.46 -8.29 19.41
N ALA A 297 -13.33 -8.49 18.75
CA ALA A 297 -12.08 -8.62 19.48
C ALA A 297 -11.64 -7.31 20.16
N GLY A 298 -12.28 -6.20 19.81
CA GLY A 298 -12.03 -4.90 20.45
C GLY A 298 -10.92 -4.12 19.76
N VAL A 299 -10.78 -4.31 18.46
CA VAL A 299 -9.70 -3.73 17.68
C VAL A 299 -9.79 -2.18 17.65
N THR A 300 -11.00 -1.67 17.65
CA THR A 300 -11.29 -0.23 17.71
C THR A 300 -10.58 0.47 18.88
N GLU A 301 -10.65 -0.16 20.05
CA GLU A 301 -10.08 0.36 21.26
C GLU A 301 -8.55 0.43 21.18
N ALA A 302 -7.95 -0.57 20.52
CA ALA A 302 -6.50 -0.58 20.34
C ALA A 302 -6.05 0.53 19.39
N VAL A 303 -6.81 0.69 18.33
CA VAL A 303 -6.43 1.60 17.26
C VAL A 303 -6.59 3.08 17.67
N LEU A 304 -7.60 3.38 18.47
CA LEU A 304 -7.89 4.75 18.88
C LEU A 304 -6.88 5.31 19.89
N LYS A 305 -6.09 4.42 20.50
CA LYS A 305 -4.97 4.83 21.31
C LYS A 305 -3.91 5.59 20.50
N PHE A 306 -4.02 5.59 19.16
CA PHE A 306 -3.11 6.34 18.31
C PHE A 306 -3.69 7.61 17.68
N LEU A 307 -4.88 8.01 18.13
CA LEU A 307 -5.46 9.29 17.70
C LEU A 307 -4.51 10.47 17.97
N LYS A 308 -3.77 10.37 19.07
CA LYS A 308 -2.81 11.40 19.47
C LYS A 308 -1.49 11.34 18.70
N SER A 309 -1.29 10.34 17.85
CA SER A 309 -0.14 10.33 16.97
C SER A 309 -0.14 11.58 16.09
N GLU A 310 1.06 12.12 15.88
CA GLU A 310 1.30 13.23 14.97
C GLU A 310 2.04 12.73 13.74
N MET A 311 2.22 11.41 13.64
CA MET A 311 2.96 10.84 12.52
C MET A 311 1.94 10.48 11.45
N PRO A 312 1.97 11.20 10.32
CA PRO A 312 0.93 10.99 9.31
C PRO A 312 0.76 9.55 8.81
N PRO A 313 1.87 8.81 8.66
CA PRO A 313 1.67 7.42 8.20
C PRO A 313 0.85 6.60 9.19
N VAL A 314 1.01 6.89 10.47
CA VAL A 314 0.29 6.19 11.53
C VAL A 314 -1.17 6.61 11.49
N GLN A 315 -1.37 7.91 11.35
CA GLN A 315 -2.70 8.50 11.22
C GLN A 315 -3.42 7.89 10.03
N PHE A 316 -2.74 7.89 8.90
CA PHE A 316 -3.25 7.39 7.65
C PHE A 316 -3.77 5.95 7.77
N LYS A 317 -3.00 5.10 8.42
CA LYS A 317 -3.34 3.69 8.53
C LYS A 317 -4.33 3.42 9.64
N LEU A 318 -4.31 4.22 10.71
CA LEU A 318 -5.35 4.09 11.71
C LEU A 318 -6.68 4.49 11.10
N LEU A 319 -6.71 5.60 10.36
CA LEU A 319 -7.93 6.00 9.65
C LEU A 319 -8.45 4.95 8.68
N GLY A 320 -7.54 4.41 7.86
CA GLY A 320 -7.90 3.37 6.90
C GLY A 320 -8.48 2.14 7.58
N THR A 321 -7.85 1.72 8.68
CA THR A 321 -8.32 0.60 9.44
C THR A 321 -9.76 0.83 9.93
N LEU A 322 -10.01 1.97 10.57
CA LEU A 322 -11.37 2.26 11.04
C LEU A 322 -12.39 2.24 9.88
N ARG A 323 -11.99 2.77 8.74
CA ARG A 323 -12.90 2.88 7.63
C ARG A 323 -13.25 1.50 7.07
N MET A 324 -12.26 0.61 7.00
CA MET A 324 -12.51 -0.74 6.57
C MET A 324 -13.45 -1.41 7.53
N LEU A 325 -13.20 -1.19 8.82
CA LEU A 325 -13.96 -1.88 9.87
C LEU A 325 -15.44 -1.49 9.93
N ILE A 326 -15.78 -0.26 9.55
CA ILE A 326 -17.20 0.12 9.58
C ILE A 326 -17.94 -0.12 8.25
N ASP A 327 -17.25 -0.73 7.27
CA ASP A 327 -17.70 -0.69 5.86
C ASP A 327 -19.18 -0.98 5.61
N ALA A 328 -19.75 -1.97 6.27
CA ALA A 328 -21.21 -2.11 6.28
C ALA A 328 -21.60 -2.65 7.62
N GLN A 329 -20.97 -2.09 8.65
CA GLN A 329 -21.14 -2.49 10.04
C GLN A 329 -21.76 -1.30 10.78
N ALA A 330 -23.10 -1.23 10.78
CA ALA A 330 -23.84 -0.08 11.29
C ALA A 330 -23.64 0.16 12.79
N GLU A 331 -23.63 -0.92 13.57
CA GLU A 331 -23.43 -0.80 15.00
C GLU A 331 -22.05 -0.22 15.30
N ALA A 332 -21.05 -0.61 14.50
CA ALA A 332 -19.68 -0.15 14.69
C ALA A 332 -19.53 1.29 14.24
N ALA A 333 -20.09 1.60 13.07
CA ALA A 333 -20.17 2.98 12.55
C ALA A 333 -20.86 3.90 13.56
N GLU A 334 -21.86 3.38 14.26
CA GLU A 334 -22.60 4.16 15.25
C GLU A 334 -21.76 4.45 16.50
N GLN A 335 -21.11 3.43 17.05
CA GLN A 335 -20.28 3.65 18.23
C GLN A 335 -19.14 4.63 17.94
N LEU A 336 -18.54 4.53 16.74
CA LEU A 336 -17.42 5.42 16.37
C LEU A 336 -17.86 6.83 16.02
N GLY A 337 -19.00 6.92 15.34
CA GLY A 337 -19.55 8.20 14.95
C GLY A 337 -19.96 9.07 16.12
N LYS A 338 -20.25 8.44 17.24
CA LYS A 338 -20.65 9.14 18.47
C LYS A 338 -19.48 9.31 19.43
N ASN A 339 -18.31 8.78 19.06
CA ASN A 339 -17.10 9.01 19.82
C ASN A 339 -16.60 10.40 19.47
N VAL A 340 -16.78 11.33 20.40
CA VAL A 340 -16.59 12.75 20.12
C VAL A 340 -15.11 13.07 19.96
N LYS A 341 -14.25 12.41 20.73
CA LYS A 341 -12.82 12.59 20.56
C LYS A 341 -12.39 12.16 19.14
N LEU A 342 -12.88 11.01 18.70
CA LEU A 342 -12.58 10.54 17.35
C LEU A 342 -12.99 11.57 16.34
N VAL A 343 -14.24 12.00 16.42
CA VAL A 343 -14.81 12.91 15.43
C VAL A 343 -14.10 14.27 15.41
N GLU A 344 -13.79 14.80 16.59
CA GLU A 344 -13.09 16.09 16.67
C GLU A 344 -11.71 15.96 16.06
N ARG A 345 -11.07 14.82 16.32
CA ARG A 345 -9.76 14.54 15.71
C ARG A 345 -9.86 14.42 14.19
N LEU A 346 -10.95 13.85 13.68
CA LEU A 346 -11.16 13.75 12.24
C LEU A 346 -11.28 15.10 11.60
N VAL A 347 -12.05 15.98 12.24
CA VAL A 347 -12.27 17.30 11.71
C VAL A 347 -10.93 18.05 11.71
N GLU A 348 -10.18 17.93 12.81
CA GLU A 348 -8.80 18.43 12.85
C GLU A 348 -7.97 17.96 11.65
N TRP A 349 -7.96 16.65 11.40
CA TRP A 349 -7.16 16.09 10.30
C TRP A 349 -7.68 16.40 8.91
N CYS A 350 -8.96 16.76 8.79
CA CYS A 350 -9.47 17.25 7.51
C CYS A 350 -8.84 18.62 7.17
N GLU A 351 -8.33 19.32 8.19
CA GLU A 351 -7.65 20.61 8.00
C GLU A 351 -6.12 20.51 7.84
N ALA A 352 -5.56 19.31 7.90
CA ALA A 352 -4.12 19.10 7.73
C ALA A 352 -3.77 19.13 6.25
N LYS A 353 -3.41 20.32 5.76
CA LYS A 353 -3.29 20.58 4.33
C LYS A 353 -2.08 19.89 3.68
N ASP A 354 -1.00 19.72 4.45
CA ASP A 354 0.25 19.15 3.91
C ASP A 354 0.23 17.64 3.74
N HIS A 355 -0.72 16.96 4.38
CA HIS A 355 -0.74 15.51 4.38
C HIS A 355 -2.00 15.02 3.70
N ALA A 356 -1.88 14.85 2.38
CA ALA A 356 -3.02 14.57 1.52
C ALA A 356 -3.72 13.26 1.88
N GLY A 357 -2.93 12.21 2.09
CA GLY A 357 -3.46 10.90 2.43
C GLY A 357 -4.36 10.91 3.65
N VAL A 358 -3.91 11.60 4.70
CA VAL A 358 -4.69 11.63 5.96
C VAL A 358 -5.90 12.55 5.84
N MET A 359 -5.73 13.66 5.14
CA MET A 359 -6.84 14.55 4.78
C MET A 359 -7.96 13.78 4.09
N GLY A 360 -7.59 13.00 3.06
CA GLY A 360 -8.54 12.28 2.24
C GLY A 360 -9.18 11.11 2.97
N GLU A 361 -8.39 10.40 3.76
CA GLU A 361 -8.86 9.28 4.59
C GLU A 361 -9.78 9.76 5.71
N SER A 362 -9.44 10.91 6.27
CA SER A 362 -10.24 11.52 7.33
C SER A 362 -11.61 11.93 6.77
N ASN A 363 -11.61 12.57 5.59
CA ASN A 363 -12.84 12.97 4.91
C ASN A 363 -13.72 11.76 4.59
N ARG A 364 -13.09 10.73 4.03
CA ARG A 364 -13.79 9.49 3.73
C ARG A 364 -14.35 8.80 4.96
N LEU A 365 -13.62 8.87 6.08
CA LEU A 365 -14.12 8.27 7.31
C LEU A 365 -15.36 9.03 7.80
N LEU A 366 -15.34 10.36 7.73
CA LEU A 366 -16.49 11.17 8.16
C LEU A 366 -17.73 10.77 7.37
N SER A 367 -17.58 10.71 6.05
CA SER A 367 -18.66 10.29 5.17
C SER A 367 -19.16 8.90 5.53
N ALA A 368 -18.25 7.93 5.55
CA ALA A 368 -18.61 6.53 5.81
C ALA A 368 -19.27 6.35 7.16
N LEU A 369 -18.86 7.14 8.13
CA LEU A 369 -19.48 7.03 9.45
C LEU A 369 -20.99 7.27 9.35
N ILE A 370 -21.37 8.16 8.43
CA ILE A 370 -22.76 8.55 8.22
C ILE A 370 -23.50 7.54 7.36
N ARG A 371 -22.87 7.15 6.27
CA ARG A 371 -23.47 6.24 5.32
C ARG A 371 -23.76 4.85 5.90
N HIS A 372 -22.86 4.31 6.73
CA HIS A 372 -23.06 2.95 7.26
C HIS A 372 -23.83 2.94 8.57
N SER A 373 -23.70 3.98 9.39
CA SER A 373 -24.52 4.06 10.61
C SER A 373 -25.95 4.50 10.31
N LYS A 374 -26.10 5.47 9.40
CA LYS A 374 -27.37 6.16 9.14
C LYS A 374 -28.02 6.62 10.45
N SER A 375 -27.21 7.05 11.41
CA SER A 375 -27.68 7.39 12.74
C SER A 375 -27.66 8.90 12.95
N LYS A 376 -28.75 9.42 13.54
CA LYS A 376 -28.89 10.84 13.82
C LYS A 376 -27.85 11.31 14.82
N ASP A 377 -27.58 10.46 15.80
CA ASP A 377 -26.59 10.76 16.83
C ASP A 377 -25.18 10.96 16.25
N VAL A 378 -24.78 10.17 15.24
CA VAL A 378 -23.45 10.37 14.67
C VAL A 378 -23.45 11.63 13.84
N ILE A 379 -24.56 11.86 13.15
CA ILE A 379 -24.71 13.03 12.31
C ILE A 379 -24.61 14.28 13.17
N LYS A 380 -25.26 14.28 14.33
CA LYS A 380 -25.21 15.43 15.21
C LYS A 380 -23.82 15.62 15.78
N THR A 381 -23.17 14.53 16.16
CA THR A 381 -21.80 14.61 16.65
C THR A 381 -20.91 15.25 15.60
N ILE A 382 -21.14 14.91 14.34
CA ILE A 382 -20.35 15.43 13.24
C ILE A 382 -20.64 16.92 12.97
N VAL A 383 -21.91 17.36 13.07
CA VAL A 383 -22.19 18.79 12.84
C VAL A 383 -21.64 19.63 13.99
N GLN A 384 -21.89 19.20 15.21
CA GLN A 384 -21.38 19.87 16.41
C GLN A 384 -19.85 20.04 16.38
N SER A 385 -19.17 19.05 15.81
CA SER A 385 -17.70 19.04 15.69
C SER A 385 -17.12 19.82 14.52
N GLY A 386 -17.94 20.23 13.56
CA GLY A 386 -17.47 21.04 12.41
C GLY A 386 -17.40 20.32 11.07
N GLY A 387 -18.02 19.14 10.99
CA GLY A 387 -17.77 18.23 9.89
C GLY A 387 -18.39 18.62 8.57
N ILE A 388 -19.47 19.39 8.61
CA ILE A 388 -20.24 19.68 7.38
C ILE A 388 -19.41 20.32 6.26
N LYS A 389 -18.64 21.37 6.59
CA LYS A 389 -17.85 22.06 5.55
C LYS A 389 -16.86 21.10 4.89
N HIS A 390 -16.35 20.15 5.66
CA HIS A 390 -15.39 19.21 5.12
C HIS A 390 -16.09 18.23 4.18
N LEU A 391 -17.24 17.70 4.58
CA LEU A 391 -18.04 16.86 3.67
C LEU A 391 -18.46 17.63 2.42
N VAL A 392 -18.80 18.90 2.59
CA VAL A 392 -19.24 19.74 1.45
C VAL A 392 -18.08 19.94 0.47
N THR A 393 -16.89 20.19 1.00
CA THR A 393 -15.70 20.36 0.16
C THR A 393 -15.34 19.06 -0.55
N MET A 394 -15.48 17.93 0.14
CA MET A 394 -15.22 16.60 -0.43
C MET A 394 -16.06 16.32 -1.68
N ALA A 395 -17.27 16.85 -1.73
CA ALA A 395 -18.14 16.70 -2.91
C ALA A 395 -17.53 17.28 -4.19
N THR A 396 -16.63 18.24 -4.06
CA THR A 396 -15.88 18.79 -5.20
C THR A 396 -14.51 18.12 -5.39
N SER A 397 -14.35 16.88 -4.89
CA SER A 397 -13.09 16.16 -5.01
C SER A 397 -12.88 15.66 -6.45
N GLU A 398 -11.61 15.67 -6.88
CA GLU A 398 -11.26 15.18 -8.21
C GLU A 398 -11.58 13.69 -8.40
N HIS A 399 -11.63 12.94 -7.30
CA HIS A 399 -11.96 11.53 -7.35
C HIS A 399 -13.46 11.36 -7.23
N VAL A 400 -14.06 10.77 -8.26
CA VAL A 400 -15.51 10.66 -8.35
C VAL A 400 -16.09 9.80 -7.23
N ILE A 401 -15.34 8.81 -6.77
CA ILE A 401 -15.83 7.93 -5.71
C ILE A 401 -16.04 8.77 -4.46
N MET A 402 -15.08 9.63 -4.15
CA MET A 402 -15.16 10.49 -2.98
C MET A 402 -16.27 11.54 -3.08
N GLN A 403 -16.58 11.99 -4.30
CA GLN A 403 -17.63 13.00 -4.49
C GLN A 403 -18.99 12.49 -4.08
N ASN A 404 -19.40 11.35 -4.64
CA ASN A 404 -20.73 10.80 -4.31
C ASN A 404 -20.78 10.03 -2.99
N GLU A 405 -19.63 9.73 -2.41
CA GLU A 405 -19.56 9.38 -0.98
C GLU A 405 -19.93 10.60 -0.16
N ALA A 406 -19.46 11.76 -0.61
CA ALA A 406 -19.79 13.01 0.05
C ALA A 406 -21.28 13.28 -0.13
N LEU A 407 -21.77 13.09 -1.35
CA LEU A 407 -23.17 13.36 -1.68
C LEU A 407 -24.16 12.48 -0.92
N VAL A 408 -23.91 11.18 -0.92
CA VAL A 408 -24.77 10.23 -0.24
C VAL A 408 -24.81 10.58 1.25
N ALA A 409 -23.65 10.92 1.83
CA ALA A 409 -23.60 11.31 3.25
C ALA A 409 -24.39 12.60 3.49
N LEU A 410 -24.27 13.51 2.53
CA LEU A 410 -25.03 14.75 2.53
C LEU A 410 -26.54 14.46 2.43
N ALA A 411 -26.92 13.58 1.50
CA ALA A 411 -28.32 13.18 1.40
C ALA A 411 -28.85 12.58 2.70
N LEU A 412 -28.08 11.70 3.33
CA LEU A 412 -28.51 11.14 4.61
C LEU A 412 -28.69 12.23 5.66
N ILE A 413 -27.80 13.22 5.69
CA ILE A 413 -27.92 14.25 6.71
C ILE A 413 -29.12 15.17 6.39
N ALA A 414 -29.40 15.38 5.11
CA ALA A 414 -30.61 16.11 4.71
C ALA A 414 -31.85 15.38 5.23
N ALA A 415 -31.93 14.09 4.93
CA ALA A 415 -33.09 13.28 5.27
C ALA A 415 -33.26 13.05 6.77
N LEU A 416 -32.19 13.15 7.54
CA LEU A 416 -32.26 12.79 8.96
C LEU A 416 -32.14 13.96 9.93
N GLU A 417 -31.36 14.98 9.59
CA GLU A 417 -31.09 16.08 10.52
C GLU A 417 -30.92 17.40 9.79
N LEU A 418 -31.76 17.66 8.79
CA LEU A 418 -31.65 18.89 8.01
C LEU A 418 -31.75 20.11 8.92
N GLY A 419 -32.70 20.07 9.85
CA GLY A 419 -32.86 21.13 10.84
C GLY A 419 -31.53 21.57 11.41
N THR A 420 -30.85 20.63 12.07
CA THR A 420 -29.62 20.97 12.80
C THR A 420 -28.44 21.33 11.89
N ALA A 421 -28.49 20.95 10.61
CA ALA A 421 -27.37 21.16 9.69
C ALA A 421 -27.46 22.40 8.83
N GLU A 422 -28.67 22.79 8.42
CA GLU A 422 -28.83 23.79 7.36
C GLU A 422 -28.02 25.08 7.57
N LYS A 423 -27.72 25.42 8.82
CA LYS A 423 -26.84 26.56 9.09
C LYS A 423 -25.45 26.34 8.46
N ASP A 424 -24.81 25.22 8.78
CA ASP A 424 -23.50 24.90 8.20
C ASP A 424 -23.58 24.65 6.71
N LEU A 425 -24.68 24.06 6.24
CA LEU A 425 -24.85 23.79 4.81
C LEU A 425 -24.99 25.09 4.00
N GLU A 426 -25.54 26.11 4.66
CA GLU A 426 -25.63 27.44 4.10
C GLU A 426 -24.23 28.03 3.98
N SER A 427 -23.53 28.09 5.11
CA SER A 427 -22.15 28.60 5.18
C SER A 427 -21.25 27.99 4.11
N ALA A 428 -21.42 26.69 3.85
CA ALA A 428 -20.59 25.95 2.92
C ALA A 428 -21.01 26.08 1.45
N LYS A 429 -22.14 26.74 1.19
CA LYS A 429 -22.57 27.06 -0.18
C LYS A 429 -22.87 25.82 -1.02
N LEU A 430 -23.52 24.83 -0.40
CA LEU A 430 -23.69 23.52 -1.03
C LEU A 430 -24.53 23.56 -2.31
N VAL A 431 -25.67 24.28 -2.27
CA VAL A 431 -26.54 24.37 -3.45
C VAL A 431 -25.83 24.98 -4.66
N GLN A 432 -24.93 25.92 -4.39
CA GLN A 432 -24.11 26.54 -5.43
C GLN A 432 -23.17 25.50 -6.06
N ILE A 433 -22.60 24.65 -5.20
CA ILE A 433 -21.74 23.55 -5.65
C ILE A 433 -22.56 22.53 -6.43
N LEU A 434 -23.67 22.10 -5.86
CA LEU A 434 -24.57 21.16 -6.55
C LEU A 434 -24.90 21.59 -7.97
N HIS A 435 -25.12 22.89 -8.17
CA HIS A 435 -25.45 23.43 -9.49
C HIS A 435 -24.34 23.18 -10.50
N ARG A 436 -23.14 23.64 -10.18
CA ARG A 436 -22.00 23.50 -11.09
C ARG A 436 -21.84 22.03 -11.54
N LEU A 437 -22.19 21.11 -10.65
CA LEU A 437 -22.20 19.68 -10.98
C LEU A 437 -23.40 19.38 -11.89
N PRO A 445 -19.50 14.47 -15.44
CA PRO A 445 -20.05 14.16 -14.12
C PRO A 445 -20.46 12.69 -13.99
N GLU A 446 -21.38 12.24 -14.84
CA GLU A 446 -21.91 10.87 -14.81
C GLU A 446 -22.76 10.58 -13.56
N ILE A 447 -22.34 9.67 -12.69
CA ILE A 447 -23.17 9.26 -11.54
C ILE A 447 -23.33 10.34 -10.45
N LYS A 448 -22.58 11.44 -10.56
CA LYS A 448 -22.79 12.61 -9.71
C LYS A 448 -24.19 13.23 -9.90
N TYR A 449 -24.96 12.69 -10.84
CA TYR A 449 -26.41 12.91 -10.91
C TYR A 449 -27.13 12.77 -9.56
N ASN A 450 -26.55 11.99 -8.63
CA ASN A 450 -27.00 11.93 -7.22
C ASN A 450 -27.07 13.30 -6.55
N SER A 451 -26.42 14.30 -7.12
CA SER A 451 -26.59 15.69 -6.71
C SER A 451 -28.06 16.17 -6.84
N MET A 452 -28.77 15.65 -7.83
CA MET A 452 -30.18 15.97 -8.00
C MET A 452 -31.01 15.45 -6.82
N VAL A 453 -30.75 14.21 -6.44
CA VAL A 453 -31.42 13.60 -5.29
C VAL A 453 -31.17 14.41 -4.01
N LEU A 454 -29.94 14.91 -3.85
CA LEU A 454 -29.58 15.74 -2.70
C LEU A 454 -30.36 17.05 -2.68
N ILE A 455 -30.48 17.69 -3.84
CA ILE A 455 -31.23 18.95 -3.96
C ILE A 455 -32.69 18.77 -3.52
N CYS A 456 -33.34 17.73 -4.02
CA CYS A 456 -34.74 17.45 -3.69
C CYS A 456 -34.96 17.20 -2.20
N ALA A 457 -33.96 16.67 -1.51
CA ALA A 457 -34.01 16.49 -0.06
C ALA A 457 -33.73 17.80 0.67
N LEU A 458 -32.84 18.61 0.10
CA LEU A 458 -32.56 19.95 0.62
C LEU A 458 -33.73 20.91 0.39
N MET A 459 -34.59 20.60 -0.58
CA MET A 459 -35.74 21.44 -0.93
C MET A 459 -36.63 21.83 0.27
N GLY A 460 -36.69 21.00 1.31
CA GLY A 460 -37.50 21.29 2.48
C GLY A 460 -36.71 22.03 3.58
N SER A 461 -36.00 23.10 3.19
CA SER A 461 -35.14 23.84 4.11
C SER A 461 -35.52 25.31 4.17
N GLU A 462 -35.64 25.83 5.40
CA GLU A 462 -35.92 27.24 5.61
C GLU A 462 -34.77 28.09 5.07
N CYS A 463 -33.62 28.05 5.75
CA CYS A 463 -32.44 28.80 5.34
C CYS A 463 -32.13 28.59 3.86
N LEU A 464 -31.95 27.34 3.46
CA LEU A 464 -31.70 27.00 2.06
C LEU A 464 -32.98 27.14 1.23
N HIS A 465 -33.40 28.39 1.02
CA HIS A 465 -34.64 28.68 0.30
C HIS A 465 -34.52 28.30 -1.16
N LYS A 466 -33.62 28.97 -1.86
CA LYS A 466 -33.35 28.73 -3.28
C LYS A 466 -32.14 27.82 -3.40
N GLU A 467 -32.20 26.69 -4.11
CA GLU A 467 -33.28 26.25 -5.00
C GLU A 467 -33.61 27.23 -6.13
N VAL A 468 -34.84 27.76 -6.18
CA VAL A 468 -35.33 28.54 -7.32
C VAL A 468 -34.34 29.59 -7.82
N GLN A 469 -34.01 30.56 -6.97
CA GLN A 469 -33.00 31.60 -7.26
C GLN A 469 -31.71 31.08 -7.91
N ASP A 470 -31.31 29.84 -7.59
CA ASP A 470 -30.10 29.24 -8.18
C ASP A 470 -30.24 28.86 -9.66
N LEU A 471 -31.43 29.04 -10.24
CA LEU A 471 -31.68 28.74 -11.65
C LEU A 471 -31.58 27.24 -11.95
N ALA A 472 -31.94 26.43 -10.96
CA ALA A 472 -31.85 24.98 -11.05
C ALA A 472 -32.92 24.38 -11.96
N PHE A 473 -34.03 25.10 -12.13
CA PHE A 473 -35.11 24.68 -13.04
C PHE A 473 -34.65 24.70 -14.51
N LEU A 474 -33.70 25.59 -14.82
CA LEU A 474 -33.10 25.65 -16.16
C LEU A 474 -32.23 24.42 -16.45
N ASP A 475 -31.61 23.87 -15.41
CA ASP A 475 -30.73 22.71 -15.53
C ASP A 475 -31.45 21.38 -15.30
N VAL A 476 -32.40 21.35 -14.36
CA VAL A 476 -33.04 20.11 -13.92
C VAL A 476 -33.76 19.35 -15.04
N VAL A 477 -34.78 19.98 -15.62
CA VAL A 477 -35.55 19.39 -16.72
C VAL A 477 -34.70 19.23 -17.96
N SER A 478 -33.73 20.14 -18.16
CA SER A 478 -32.81 20.10 -19.28
C SER A 478 -31.94 18.83 -19.33
N LYS A 479 -31.93 18.06 -18.24
CA LYS A 479 -31.33 16.73 -18.26
C LYS A 479 -32.02 15.88 -19.32
N LEU A 480 -33.27 15.50 -19.07
CA LEU A 480 -34.03 14.65 -19.99
C LEU A 480 -33.15 13.48 -20.46
N ARG A 481 -32.80 13.42 -21.74
CA ARG A 481 -31.79 12.48 -22.24
C ARG A 481 -31.23 12.98 -23.58
N SER A 482 -29.91 13.10 -23.72
CA SER A 482 -28.91 12.75 -22.71
C SER A 482 -28.86 13.81 -21.60
N HIS A 483 -28.44 13.46 -20.37
CA HIS A 483 -27.77 12.20 -20.01
C HIS A 483 -28.43 10.92 -20.50
N GLU A 484 -27.66 10.12 -21.25
CA GLU A 484 -28.18 8.99 -21.99
C GLU A 484 -28.57 7.79 -21.11
N ASN A 485 -28.00 7.69 -19.91
CA ASN A 485 -28.31 6.60 -18.99
C ASN A 485 -29.78 6.65 -18.56
N LYS A 486 -30.40 5.49 -18.44
CA LYS A 486 -31.79 5.38 -17.99
C LYS A 486 -31.94 5.88 -16.55
N SER A 487 -30.88 5.71 -15.76
CA SER A 487 -30.83 6.27 -14.41
C SER A 487 -30.72 7.80 -14.49
N VAL A 488 -29.68 8.28 -15.15
CA VAL A 488 -29.42 9.73 -15.27
C VAL A 488 -30.51 10.50 -16.02
N ALA A 489 -31.33 9.78 -16.80
CA ALA A 489 -32.45 10.38 -17.50
C ALA A 489 -33.71 10.42 -16.65
N GLN A 490 -34.08 9.27 -16.07
CA GLN A 490 -35.37 9.10 -15.39
C GLN A 490 -35.59 10.04 -14.20
N GLN A 491 -34.54 10.28 -13.42
CA GLN A 491 -34.64 11.15 -12.24
C GLN A 491 -34.83 12.62 -12.59
N ALA A 492 -34.58 12.98 -13.84
CA ALA A 492 -34.86 14.32 -14.36
C ALA A 492 -36.35 14.63 -14.34
N SER A 493 -37.17 13.65 -14.69
CA SER A 493 -38.63 13.79 -14.65
C SER A 493 -39.12 14.03 -13.22
N LEU A 494 -38.53 13.32 -12.26
CA LEU A 494 -38.84 13.50 -10.84
C LEU A 494 -38.34 14.85 -10.34
N THR A 495 -37.08 15.17 -10.66
CA THR A 495 -36.49 16.46 -10.31
C THR A 495 -37.19 17.63 -11.01
N GLU A 496 -37.71 17.40 -12.22
CA GLU A 496 -38.46 18.43 -12.97
C GLU A 496 -39.87 18.61 -12.43
N GLN A 497 -40.51 17.51 -12.02
CA GLN A 497 -41.85 17.57 -11.41
C GLN A 497 -41.82 18.27 -10.05
N ARG A 498 -40.73 18.05 -9.30
CA ARG A 498 -40.56 18.65 -7.98
C ARG A 498 -40.19 20.13 -8.07
N LEU A 499 -39.23 20.45 -8.94
CA LEU A 499 -38.78 21.82 -9.13
C LEU A 499 -39.82 22.71 -9.85
N THR A 500 -40.73 22.08 -10.59
CA THR A 500 -41.82 22.80 -11.26
C THR A 500 -43.01 23.02 -10.32
N VAL A 501 -43.41 21.97 -9.61
CA VAL A 501 -44.54 22.07 -8.67
C VAL A 501 -44.24 23.02 -7.50
N GLU A 502 -42.96 23.15 -7.15
CA GLU A 502 -42.52 24.07 -6.08
C GLU A 502 -41.13 24.63 -6.37
N SER A 503 -40.95 25.92 -6.09
CA SER A 503 -39.67 26.61 -6.27
C SER A 503 -39.09 26.38 -7.67
#